data_5EIQ
#
_entry.id   5EIQ
#
_cell.length_a   26.938
_cell.length_b   48.486
_cell.length_c   74.945
_cell.angle_alpha   90.000
_cell.angle_beta   91.820
_cell.angle_gamma   90.000
#
_symmetry.space_group_name_H-M   'P 1 21 1'
#
loop_
_entity.id
_entity.type
_entity.pdbx_description
1 polymer 'Osteoclast-associated immunoglobulin-like receptor'
2 water water
#
_entity_poly.entity_id   1
_entity_poly.type   'polypeptide(L)'
_entity_poly.pdbx_seq_one_letter_code
;SYHPKPWLGAQPATVVTPGVNVTLRCRAPQPAWRFGLFKPGEIAPLLFRDVSSELAEFFLEEVTPAQGGSYRCCYRRPDW
GPGVWSQPSDVLELLVTEELPRPSLVALPGPVVGPGANVSLRCAGRLRNMSFVLYREGVAAPLQYRHSAQPWADFTLLGA
RAPGTYSCYYHTPSAPYVLSQRSEVLVI
;
_entity_poly.pdbx_strand_id   A
#
# COMPACT_ATOMS: atom_id res chain seq x y z
N SER A 1 19.98 -13.50 -24.36
CA SER A 1 19.97 -12.04 -24.30
C SER A 1 19.04 -11.51 -23.19
N TYR A 2 19.60 -10.72 -22.26
CA TYR A 2 18.92 -10.16 -21.10
C TYR A 2 18.05 -8.97 -21.47
N HIS A 3 16.79 -8.98 -21.04
CA HIS A 3 15.80 -7.95 -21.31
C HIS A 3 15.34 -7.31 -20.02
N PRO A 4 15.91 -6.13 -19.66
CA PRO A 4 15.59 -5.55 -18.33
C PRO A 4 14.10 -5.34 -18.06
N LYS A 5 13.72 -5.57 -16.84
CA LYS A 5 12.33 -5.51 -16.41
C LYS A 5 11.63 -4.16 -16.63
N PRO A 6 10.35 -4.21 -17.02
CA PRO A 6 9.56 -2.96 -17.06
C PRO A 6 9.16 -2.55 -15.63
N TRP A 7 8.53 -1.39 -15.47
CA TRP A 7 7.99 -0.92 -14.19
C TRP A 7 6.47 -0.87 -14.32
N LEU A 8 5.78 -1.27 -13.25
CA LEU A 8 4.33 -1.28 -13.19
C LEU A 8 3.81 -0.36 -12.09
N GLY A 9 2.94 0.55 -12.49
CA GLY A 9 2.32 1.50 -11.58
C GLY A 9 0.80 1.50 -11.59
N ALA A 10 0.19 2.08 -10.53
CA ALA A 10 -1.25 2.18 -10.33
C ALA A 10 -1.70 3.62 -10.13
N GLN A 11 -2.71 4.02 -10.89
CA GLN A 11 -3.37 5.32 -10.72
C GLN A 11 -4.83 5.03 -10.40
N PRO A 12 -5.44 5.69 -9.41
CA PRO A 12 -4.90 6.79 -8.59
C PRO A 12 -3.96 6.37 -7.45
N ALA A 13 -3.96 5.08 -7.03
CA ALA A 13 -3.15 4.55 -5.92
C ALA A 13 -3.21 3.02 -6.01
N THR A 14 -2.37 2.33 -5.20
CA THR A 14 -2.31 0.85 -5.10
C THR A 14 -3.32 0.31 -4.07
N VAL A 15 -3.95 1.22 -3.30
CA VAL A 15 -4.94 0.94 -2.29
C VAL A 15 -6.13 1.81 -2.61
N VAL A 16 -7.25 1.17 -2.97
CA VAL A 16 -8.46 1.88 -3.42
C VAL A 16 -9.70 1.17 -2.88
N THR A 17 -10.83 1.89 -2.86
CA THR A 17 -12.10 1.30 -2.45
C THR A 17 -12.74 0.62 -3.68
N PRO A 18 -13.64 -0.38 -3.47
CA PRO A 18 -14.33 -0.98 -4.63
C PRO A 18 -15.12 0.07 -5.42
N GLY A 19 -15.09 -0.03 -6.75
CA GLY A 19 -15.85 0.89 -7.60
C GLY A 19 -15.04 1.97 -8.29
N VAL A 20 -13.79 2.16 -7.87
CA VAL A 20 -12.85 3.12 -8.42
C VAL A 20 -12.28 2.59 -9.76
N ASN A 21 -12.12 3.47 -10.76
CA ASN A 21 -11.43 3.08 -12.00
C ASN A 21 -9.92 3.14 -11.75
N VAL A 22 -9.23 2.02 -11.97
CA VAL A 22 -7.80 1.93 -11.81
C VAL A 22 -7.08 1.84 -13.15
N THR A 23 -6.07 2.63 -13.36
CA THR A 23 -5.24 2.47 -14.55
C THR A 23 -3.92 1.87 -14.13
N LEU A 24 -3.57 0.73 -14.73
CA LEU A 24 -2.28 0.11 -14.51
C LEU A 24 -1.38 0.49 -15.69
N ARG A 25 -0.23 1.11 -15.37
CA ARG A 25 0.72 1.53 -16.39
C ARG A 25 1.95 0.66 -16.35
N CYS A 26 2.29 0.05 -17.49
CA CYS A 26 3.51 -0.73 -17.65
C CYS A 26 4.49 -0.04 -18.61
N ARG A 27 5.60 0.42 -18.04
CA ARG A 27 6.65 1.08 -18.76
C ARG A 27 7.89 0.20 -18.88
N ALA A 28 8.21 -0.20 -20.12
CA ALA A 28 9.44 -0.94 -20.46
C ALA A 28 10.61 0.05 -20.65
N PRO A 29 11.88 -0.40 -20.46
CA PRO A 29 13.04 0.50 -20.65
C PRO A 29 13.42 0.67 -22.13
N GLN A 30 12.74 -0.06 -23.05
CA GLN A 30 12.95 0.04 -24.50
C GLN A 30 11.60 -0.27 -25.16
N PRO A 31 11.29 0.22 -26.39
CA PRO A 31 9.97 -0.07 -26.98
C PRO A 31 9.77 -1.57 -27.23
N ALA A 32 8.52 -2.02 -27.13
CA ALA A 32 8.17 -3.43 -27.34
C ALA A 32 6.83 -3.58 -28.06
N TRP A 33 6.56 -4.77 -28.57
CA TRP A 33 5.33 -5.10 -29.26
C TRP A 33 4.14 -5.40 -28.30
N ARG A 34 4.31 -6.41 -27.45
CA ARG A 34 3.29 -6.90 -26.56
C ARG A 34 3.66 -6.75 -25.09
N PHE A 35 2.69 -6.29 -24.29
CA PHE A 35 2.84 -6.21 -22.84
C PHE A 35 1.76 -7.12 -22.23
N GLY A 36 2.13 -7.82 -21.18
CA GLY A 36 1.23 -8.76 -20.50
C GLY A 36 1.21 -8.59 -19.00
N LEU A 37 0.01 -8.61 -18.42
CA LEU A 37 -0.15 -8.56 -16.94
C LEU A 37 -0.31 -9.96 -16.49
N PHE A 38 0.40 -10.36 -15.42
CA PHE A 38 0.36 -11.74 -14.92
C PHE A 38 0.05 -11.75 -13.43
N LYS A 39 -0.83 -12.67 -12.99
CA LYS A 39 -1.15 -12.86 -11.57
C LYS A 39 -0.28 -14.08 -11.10
N PRO A 40 -0.09 -14.31 -9.78
CA PRO A 40 0.73 -15.46 -9.36
C PRO A 40 0.17 -16.81 -9.83
N GLY A 41 1.08 -17.70 -10.24
CA GLY A 41 0.77 -19.04 -10.73
C GLY A 41 0.15 -19.12 -12.11
N GLU A 42 0.11 -17.99 -12.83
CA GLU A 42 -0.50 -17.90 -14.16
C GLU A 42 0.59 -17.78 -15.24
N ILE A 43 0.71 -18.81 -16.10
CA ILE A 43 1.68 -18.86 -17.22
C ILE A 43 1.27 -17.92 -18.38
N ALA A 44 0.01 -17.97 -18.80
CA ALA A 44 -0.41 -17.06 -19.86
C ALA A 44 -0.80 -15.71 -19.22
N PRO A 45 -0.67 -14.55 -19.91
CA PRO A 45 -1.10 -13.28 -19.28
C PRO A 45 -2.60 -13.18 -19.02
N LEU A 46 -2.98 -12.56 -17.90
CA LEU A 46 -4.37 -12.31 -17.57
C LEU A 46 -4.97 -11.32 -18.60
N LEU A 47 -4.20 -10.25 -18.88
CA LEU A 47 -4.53 -9.22 -19.86
C LEU A 47 -3.27 -8.91 -20.66
N PHE A 48 -3.44 -8.53 -21.92
CA PHE A 48 -2.33 -8.16 -22.77
C PHE A 48 -2.68 -7.02 -23.72
N ARG A 49 -1.65 -6.29 -24.18
CA ARG A 49 -1.79 -5.18 -25.12
C ARG A 49 -0.65 -5.17 -26.14
N ASP A 50 -1.01 -5.01 -27.41
CA ASP A 50 -0.11 -4.90 -28.57
C ASP A 50 -0.03 -3.41 -28.86
N VAL A 51 1.08 -2.77 -28.41
CA VAL A 51 1.19 -1.30 -28.46
C VAL A 51 2.33 -0.70 -29.32
N SER A 52 3.44 -1.43 -29.60
CA SER A 52 4.59 -0.88 -30.34
C SER A 52 5.09 0.44 -29.69
N SER A 53 5.36 0.36 -28.39
CA SER A 53 5.68 1.54 -27.56
C SER A 53 6.43 1.06 -26.32
N GLU A 54 6.87 1.98 -25.44
CA GLU A 54 7.48 1.60 -24.17
C GLU A 54 6.34 1.52 -23.11
N LEU A 55 5.17 2.05 -23.46
CA LEU A 55 4.07 2.14 -22.51
C LEU A 55 2.85 1.33 -22.90
N ALA A 56 2.30 0.57 -21.94
CA ALA A 56 1.02 -0.15 -22.10
C ALA A 56 0.15 0.19 -20.92
N GLU A 57 -1.11 0.53 -21.20
CA GLU A 57 -2.04 0.91 -20.14
C GLU A 57 -3.17 -0.08 -20.01
N PHE A 58 -3.45 -0.52 -18.80
CA PHE A 58 -4.49 -1.52 -18.55
C PHE A 58 -5.56 -0.83 -17.70
N PHE A 59 -6.74 -0.60 -18.29
CA PHE A 59 -7.82 0.11 -17.60
C PHE A 59 -8.70 -0.89 -16.88
N LEU A 60 -8.67 -0.87 -15.53
CA LEU A 60 -9.45 -1.75 -14.63
C LEU A 60 -10.62 -0.94 -14.11
N GLU A 61 -11.78 -1.11 -14.75
CA GLU A 61 -12.98 -0.34 -14.46
C GLU A 61 -13.70 -0.80 -13.19
N GLU A 62 -14.29 0.14 -12.44
CA GLU A 62 -15.15 -0.12 -11.25
C GLU A 62 -14.66 -1.38 -10.52
N VAL A 63 -13.42 -1.30 -9.99
CA VAL A 63 -12.70 -2.44 -9.41
C VAL A 63 -13.46 -3.14 -8.29
N THR A 64 -13.29 -4.47 -8.24
CA THR A 64 -13.81 -5.36 -7.21
C THR A 64 -12.60 -6.11 -6.65
N PRO A 65 -12.73 -6.93 -5.57
CA PRO A 65 -11.58 -7.73 -5.14
C PRO A 65 -11.05 -8.69 -6.23
N ALA A 66 -11.83 -8.98 -7.33
CA ALA A 66 -11.34 -9.81 -8.46
C ALA A 66 -10.14 -9.17 -9.15
N GLN A 67 -10.07 -7.82 -9.14
CA GLN A 67 -9.00 -6.98 -9.68
C GLN A 67 -7.86 -6.77 -8.69
N GLY A 68 -8.04 -7.17 -7.44
CA GLY A 68 -6.99 -7.05 -6.43
C GLY A 68 -5.96 -8.17 -6.53
N GLY A 69 -4.89 -8.04 -5.74
CA GLY A 69 -3.85 -9.05 -5.69
C GLY A 69 -2.53 -8.62 -6.28
N SER A 70 -1.68 -9.61 -6.54
CA SER A 70 -0.32 -9.39 -7.03
C SER A 70 -0.21 -9.35 -8.54
N TYR A 71 0.35 -8.27 -9.04
CA TYR A 71 0.53 -8.12 -10.48
C TYR A 71 1.98 -7.99 -10.83
N ARG A 72 2.35 -8.58 -11.98
CA ARG A 72 3.67 -8.43 -12.59
C ARG A 72 3.45 -8.14 -14.06
N CYS A 73 4.27 -7.24 -14.62
CA CYS A 73 4.18 -6.98 -16.05
C CYS A 73 5.43 -7.49 -16.76
N CYS A 74 5.25 -7.98 -17.98
CA CYS A 74 6.34 -8.41 -18.86
C CYS A 74 6.06 -7.83 -20.25
N TYR A 75 7.12 -7.55 -21.01
CA TYR A 75 6.98 -7.12 -22.40
C TYR A 75 7.72 -8.12 -23.28
N ARG A 76 7.36 -8.17 -24.58
CA ARG A 76 8.04 -9.03 -25.50
C ARG A 76 8.08 -8.43 -26.90
N ARG A 77 9.11 -8.85 -27.65
CA ARG A 77 9.30 -8.47 -29.04
C ARG A 77 9.03 -9.72 -29.88
N PRO A 78 8.39 -9.61 -31.07
CA PRO A 78 8.07 -10.83 -31.83
C PRO A 78 9.28 -11.63 -32.35
N ASP A 79 10.46 -10.98 -32.50
CA ASP A 79 11.70 -11.65 -32.94
C ASP A 79 12.30 -12.60 -31.89
N TRP A 80 11.97 -12.42 -30.57
CA TRP A 80 12.48 -13.30 -29.50
C TRP A 80 11.84 -14.73 -29.66
N GLY A 81 12.33 -15.70 -28.87
CA GLY A 81 11.84 -17.08 -28.89
C GLY A 81 10.35 -17.28 -28.65
N PRO A 82 9.83 -18.54 -28.79
CA PRO A 82 8.36 -18.77 -28.61
C PRO A 82 7.73 -18.24 -27.31
N GLY A 83 8.17 -18.73 -26.15
CA GLY A 83 7.61 -18.27 -24.88
C GLY A 83 8.50 -17.30 -24.12
N VAL A 84 9.35 -16.54 -24.85
CA VAL A 84 10.29 -15.62 -24.23
C VAL A 84 9.64 -14.23 -23.92
N TRP A 85 9.68 -13.88 -22.64
CA TRP A 85 9.22 -12.62 -22.10
C TRP A 85 10.44 -11.94 -21.49
N SER A 86 10.31 -10.66 -21.19
CA SER A 86 11.36 -9.89 -20.54
C SER A 86 11.41 -10.35 -19.07
N GLN A 87 12.37 -9.81 -18.31
CA GLN A 87 12.39 -10.00 -16.88
C GLN A 87 11.07 -9.42 -16.35
N PRO A 88 10.40 -10.06 -15.36
CA PRO A 88 9.13 -9.49 -14.88
C PRO A 88 9.35 -8.24 -14.03
N SER A 89 8.41 -7.31 -14.06
CA SER A 89 8.43 -6.14 -13.19
C SER A 89 8.35 -6.60 -11.71
N ASP A 90 8.70 -5.71 -10.80
CA ASP A 90 8.51 -5.95 -9.38
C ASP A 90 6.96 -6.04 -9.19
N VAL A 91 6.52 -6.77 -8.18
CA VAL A 91 5.11 -6.96 -7.88
C VAL A 91 4.44 -5.62 -7.57
N LEU A 92 3.27 -5.38 -8.20
CA LEU A 92 2.41 -4.27 -7.85
C LEU A 92 1.25 -4.95 -7.06
N GLU A 93 1.11 -4.64 -5.76
CA GLU A 93 0.06 -5.21 -4.94
C GLU A 93 -1.14 -4.26 -4.94
N LEU A 94 -2.21 -4.61 -5.67
CA LEU A 94 -3.38 -3.75 -5.70
C LEU A 94 -4.36 -4.21 -4.61
N LEU A 95 -4.75 -3.31 -3.71
CA LEU A 95 -5.65 -3.65 -2.62
C LEU A 95 -6.96 -2.93 -2.80
N VAL A 96 -8.04 -3.72 -2.95
CA VAL A 96 -9.40 -3.21 -3.17
C VAL A 96 -10.21 -3.58 -1.93
N THR A 97 -10.50 -2.57 -1.09
CA THR A 97 -11.19 -2.77 0.18
C THR A 97 -11.95 -1.54 0.61
N GLU A 98 -13.01 -1.72 1.41
CA GLU A 98 -13.79 -0.57 1.92
C GLU A 98 -13.10 -0.04 3.17
N GLU A 99 -12.41 -0.91 3.92
CA GLU A 99 -11.76 -0.56 5.17
C GLU A 99 -10.51 -1.39 5.36
N LEU A 100 -9.43 -0.75 5.84
CA LEU A 100 -8.13 -1.38 6.05
C LEU A 100 -8.03 -2.18 7.38
N PRO A 101 -7.17 -3.25 7.45
CA PRO A 101 -7.09 -4.04 8.70
C PRO A 101 -6.70 -3.17 9.88
N ARG A 102 -7.36 -3.36 11.01
CA ARG A 102 -7.13 -2.62 12.24
C ARG A 102 -5.66 -2.72 12.67
N PRO A 103 -4.98 -1.59 13.02
CA PRO A 103 -3.59 -1.70 13.51
C PRO A 103 -3.58 -2.10 14.99
N SER A 104 -2.39 -2.32 15.55
CA SER A 104 -2.23 -2.61 16.97
C SER A 104 -1.67 -1.36 17.62
N LEU A 105 -1.98 -1.13 18.90
CA LEU A 105 -1.48 0.03 19.62
C LEU A 105 -0.88 -0.37 20.97
N VAL A 106 0.44 -0.20 21.09
CA VAL A 106 1.19 -0.62 22.27
C VAL A 106 2.02 0.52 22.88
N ALA A 107 2.40 0.35 24.15
CA ALA A 107 3.28 1.24 24.88
C ALA A 107 4.67 0.62 24.74
N LEU A 108 5.62 1.41 24.22
CA LEU A 108 7.00 0.95 24.00
C LEU A 108 7.79 0.95 25.32
N PRO A 109 8.74 0.01 25.53
CA PRO A 109 9.52 0.02 26.78
C PRO A 109 10.44 1.25 26.84
N GLY A 110 10.56 1.83 28.02
CA GLY A 110 11.39 3.01 28.25
C GLY A 110 12.58 2.74 29.16
N PRO A 111 13.64 3.59 29.11
CA PRO A 111 14.79 3.37 30.00
C PRO A 111 14.44 3.55 31.48
N VAL A 112 13.62 4.60 31.78
CA VAL A 112 13.13 4.91 33.12
C VAL A 112 11.58 4.87 33.10
N VAL A 113 11.00 3.99 33.94
CA VAL A 113 9.55 3.81 34.05
C VAL A 113 9.03 4.28 35.41
N GLY A 114 7.84 4.87 35.40
CA GLY A 114 7.17 5.39 36.59
C GLY A 114 6.10 6.42 36.26
N PRO A 115 5.36 6.93 37.28
CA PRO A 115 4.33 7.94 37.01
C PRO A 115 4.94 9.29 36.65
N GLY A 116 4.37 9.94 35.64
CA GLY A 116 4.82 11.25 35.16
C GLY A 116 6.00 11.23 34.21
N ALA A 117 6.43 10.03 33.76
CA ALA A 117 7.54 9.88 32.81
C ALA A 117 7.00 9.92 31.36
N ASN A 118 7.84 10.30 30.38
CA ASN A 118 7.46 10.34 28.96
C ASN A 118 7.11 8.93 28.50
N VAL A 119 6.05 8.81 27.68
CA VAL A 119 5.53 7.52 27.19
C VAL A 119 5.59 7.47 25.66
N SER A 120 6.25 6.45 25.11
CA SER A 120 6.35 6.23 23.68
C SER A 120 5.31 5.17 23.28
N LEU A 121 4.46 5.49 22.28
CA LEU A 121 3.42 4.59 21.78
C LEU A 121 3.71 4.19 20.34
N ARG A 122 3.40 2.94 19.98
CA ARG A 122 3.55 2.43 18.62
C ARG A 122 2.22 1.97 18.09
N CYS A 123 1.81 2.57 16.97
CA CYS A 123 0.61 2.17 16.25
C CYS A 123 1.15 1.45 15.04
N ALA A 124 0.90 0.14 14.99
CA ALA A 124 1.46 -0.71 13.95
C ALA A 124 0.47 -1.45 13.08
N GLY A 125 0.62 -1.29 11.78
CA GLY A 125 -0.14 -2.04 10.79
C GLY A 125 0.79 -3.04 10.08
N ARG A 126 0.39 -3.49 8.86
CA ARG A 126 1.13 -4.45 8.05
C ARG A 126 1.27 -3.91 6.63
N LEU A 127 0.94 -2.63 6.44
CA LEU A 127 0.99 -1.96 5.15
C LEU A 127 1.91 -0.76 5.21
N ARG A 128 2.78 -0.67 4.20
CA ARG A 128 3.75 0.40 4.06
C ARG A 128 3.09 1.67 3.53
N ASN A 129 3.76 2.81 3.74
CA ASN A 129 3.40 4.13 3.20
C ASN A 129 1.99 4.61 3.61
N MET A 130 1.68 4.45 4.89
CA MET A 130 0.39 4.86 5.45
C MET A 130 0.57 6.05 6.36
N SER A 131 -0.54 6.79 6.58
CA SER A 131 -0.59 7.93 7.48
C SER A 131 -1.32 7.46 8.74
N PHE A 132 -0.64 7.57 9.88
CA PHE A 132 -1.13 7.17 11.19
C PHE A 132 -1.68 8.36 11.95
N VAL A 133 -2.80 8.15 12.69
CA VAL A 133 -3.47 9.18 13.50
C VAL A 133 -3.77 8.65 14.91
N LEU A 134 -3.29 9.39 15.95
CA LEU A 134 -3.48 9.03 17.36
C LEU A 134 -4.62 9.86 17.98
N TYR A 135 -5.57 9.19 18.65
CA TYR A 135 -6.66 9.87 19.36
C TYR A 135 -6.62 9.54 20.85
N ARG A 136 -7.29 10.36 21.65
CA ARG A 136 -7.49 10.14 23.08
C ARG A 136 -8.96 10.33 23.37
N GLU A 137 -9.58 9.38 24.09
CA GLU A 137 -11.00 9.47 24.52
C GLU A 137 -11.22 10.78 25.28
N GLY A 138 -12.20 11.56 24.85
CA GLY A 138 -12.50 12.85 25.45
C GLY A 138 -11.92 14.03 24.69
N VAL A 139 -11.06 13.76 23.69
CA VAL A 139 -10.44 14.78 22.84
C VAL A 139 -10.92 14.53 21.40
N ALA A 140 -11.79 15.43 20.88
CA ALA A 140 -12.38 15.31 19.54
C ALA A 140 -11.34 15.33 18.43
N ALA A 141 -10.32 16.19 18.57
CA ALA A 141 -9.28 16.33 17.56
C ALA A 141 -8.17 15.30 17.73
N PRO A 142 -7.58 14.76 16.63
CA PRO A 142 -6.43 13.86 16.82
C PRO A 142 -5.29 14.59 17.54
N LEU A 143 -4.56 13.87 18.40
CA LEU A 143 -3.46 14.48 19.14
C LEU A 143 -2.22 14.62 18.26
N GLN A 144 -1.84 13.51 17.61
CA GLN A 144 -0.67 13.44 16.75
C GLN A 144 -1.01 12.73 15.45
N TYR A 145 -0.34 13.15 14.39
CA TYR A 145 -0.44 12.58 13.05
C TYR A 145 0.98 12.30 12.57
N ARG A 146 1.18 11.18 11.88
CA ARG A 146 2.47 10.83 11.32
C ARG A 146 2.34 10.00 10.07
N HIS A 147 2.98 10.44 8.98
CA HIS A 147 3.04 9.64 7.77
C HIS A 147 4.34 8.80 7.88
N SER A 148 4.25 7.51 7.55
CA SER A 148 5.36 6.56 7.67
C SER A 148 5.61 5.79 6.39
N ALA A 149 6.88 5.37 6.14
CA ALA A 149 7.20 4.48 5.01
C ALA A 149 7.05 3.06 5.58
N GLN A 150 7.64 2.83 6.76
CA GLN A 150 7.55 1.57 7.51
C GLN A 150 6.08 1.33 7.98
N PRO A 151 5.65 0.06 8.16
CA PRO A 151 4.25 -0.19 8.58
C PRO A 151 3.92 0.12 10.07
N TRP A 152 4.39 1.28 10.60
CA TRP A 152 4.14 1.76 11.96
C TRP A 152 4.52 3.23 12.14
N ALA A 153 3.96 3.86 13.17
CA ALA A 153 4.30 5.21 13.60
C ALA A 153 4.42 5.22 15.11
N ASP A 154 5.51 5.84 15.61
CA ASP A 154 5.72 6.01 17.04
C ASP A 154 5.28 7.43 17.44
N PHE A 155 4.54 7.55 18.55
CA PHE A 155 4.05 8.82 19.06
C PHE A 155 4.55 8.98 20.50
N THR A 156 5.24 10.09 20.78
CA THR A 156 5.76 10.34 22.11
C THR A 156 4.85 11.30 22.88
N LEU A 157 4.42 10.88 24.07
CA LEU A 157 3.56 11.66 24.96
C LEU A 157 4.39 12.19 26.12
N LEU A 158 4.17 13.45 26.52
CA LEU A 158 4.88 14.02 27.66
C LEU A 158 4.21 13.51 28.95
N GLY A 159 5.04 13.14 29.92
CA GLY A 159 4.63 12.59 31.21
C GLY A 159 3.42 13.20 31.89
N ALA A 160 3.42 14.54 32.03
CA ALA A 160 2.32 15.29 32.66
C ALA A 160 0.99 15.25 31.89
N ARG A 161 1.03 14.92 30.58
CA ARG A 161 -0.17 14.82 29.74
C ARG A 161 -0.50 13.36 29.36
N ALA A 162 0.44 12.42 29.64
CA ALA A 162 0.38 10.98 29.33
C ALA A 162 -0.89 10.22 29.78
N PRO A 163 -1.48 10.36 31.01
CA PRO A 163 -2.65 9.52 31.37
C PRO A 163 -3.87 9.66 30.46
N GLY A 164 -4.56 8.54 30.21
CA GLY A 164 -5.76 8.48 29.39
C GLY A 164 -5.97 7.19 28.61
N THR A 165 -7.04 7.17 27.80
CA THR A 165 -7.40 6.04 26.94
C THR A 165 -7.16 6.46 25.49
N TYR A 166 -6.27 5.72 24.80
CA TYR A 166 -5.82 6.01 23.44
C TYR A 166 -6.21 4.99 22.40
N SER A 167 -6.46 5.47 21.17
CA SER A 167 -6.77 4.65 20.00
C SER A 167 -6.07 5.24 18.78
N CYS A 168 -5.86 4.41 17.77
CA CYS A 168 -5.19 4.85 16.55
C CYS A 168 -5.75 4.19 15.31
N TYR A 169 -5.49 4.84 14.19
CA TYR A 169 -5.90 4.38 12.87
C TYR A 169 -4.76 4.69 11.93
N TYR A 170 -4.90 4.21 10.73
CA TYR A 170 -4.05 4.60 9.64
C TYR A 170 -4.94 4.71 8.41
N HIS A 171 -4.51 5.50 7.44
CA HIS A 171 -5.24 5.74 6.21
C HIS A 171 -4.26 6.01 5.06
N THR A 172 -4.76 5.90 3.83
CA THR A 172 -3.98 6.16 2.61
C THR A 172 -3.55 7.63 2.56
N PRO A 173 -2.33 7.92 2.02
CA PRO A 173 -1.84 9.32 2.03
C PRO A 173 -2.43 10.24 0.96
N SER A 174 -3.13 9.67 -0.03
CA SER A 174 -3.73 10.43 -1.12
C SER A 174 -5.05 9.80 -1.56
N ALA A 175 -5.74 10.41 -2.54
CA ALA A 175 -7.03 9.96 -3.05
C ALA A 175 -6.94 8.62 -3.79
N PRO A 176 -7.89 7.67 -3.58
CA PRO A 176 -9.04 7.74 -2.67
C PRO A 176 -8.62 7.50 -1.23
N TYR A 177 -9.31 8.18 -0.29
CA TYR A 177 -9.10 8.03 1.14
C TYR A 177 -9.68 6.67 1.55
N VAL A 178 -8.83 5.78 2.13
CA VAL A 178 -9.25 4.47 2.63
C VAL A 178 -8.76 4.44 4.07
N LEU A 179 -9.65 4.23 5.01
CA LEU A 179 -9.31 4.25 6.43
C LEU A 179 -9.28 2.87 7.06
N SER A 180 -8.42 2.69 8.07
CA SER A 180 -8.37 1.44 8.78
C SER A 180 -9.44 1.43 9.85
N GLN A 181 -9.73 0.22 10.34
CA GLN A 181 -10.60 0.01 11.47
C GLN A 181 -9.80 0.55 12.68
N ARG A 182 -10.51 1.04 13.70
CA ARG A 182 -9.94 1.58 14.93
C ARG A 182 -9.11 0.52 15.64
N SER A 183 -7.96 0.91 16.20
CA SER A 183 -7.17 -0.02 17.00
C SER A 183 -7.91 -0.25 18.32
N GLU A 184 -7.59 -1.37 18.97
CA GLU A 184 -8.11 -1.69 20.29
C GLU A 184 -7.56 -0.60 21.22
N VAL A 185 -8.40 -0.12 22.16
CA VAL A 185 -8.01 0.94 23.09
C VAL A 185 -6.84 0.54 24.00
N LEU A 186 -5.99 1.53 24.32
CA LEU A 186 -4.82 1.39 25.18
C LEU A 186 -4.93 2.39 26.32
N VAL A 187 -4.95 1.86 27.55
CA VAL A 187 -5.06 2.65 28.76
C VAL A 187 -3.67 2.87 29.40
N ILE A 188 -3.26 4.15 29.53
CA ILE A 188 -2.02 4.57 30.19
C ILE A 188 -2.38 5.07 31.60
#